data_1PMN
#
_entry.id   1PMN
#
_cell.length_a   53.075
_cell.length_b   71.341
_cell.length_c   107.174
_cell.angle_alpha   90.00
_cell.angle_beta   90.00
_cell.angle_gamma   90.00
#
_symmetry.space_group_name_H-M   'P 21 21 21'
#
loop_
_entity.id
_entity.type
_entity.pdbx_description
1 polymer 'Mitogen-activated protein kinase 10'
2 non-polymer CYCLOPROPYL-{4-[5-(3,4-DICHLOROPHENYL)-2-[(1-METHYL)-PIPERIDIN]-4-YL-3-PROPYL-3H-IMIDAZOL-4-YL]-PYRIMIDIN-2-YL}AMINE
3 water water
#
_entity_poly.entity_id   1
_entity_poly.type   'polypeptide(L)'
_entity_poly.pdbx_seq_one_letter_code
;MASKSKVDNQFYSVEVGDSTFTVLKRYQNLKPIGSGAQGIVCAAYDAVLDRNVAIKKLSRPFQNQTHAKRAYRELVLMKC
VNHKNIISLLNVFTPQKTLEEFQDVYLVMELMDANLCQVIQMELDHERMSYLLYQMLCGIKHLHSAGIIHRDLKPSNIVV
KSDCTLKILDFGLARTAGTSFMMTPYVVTRYYRAPEVILGMGYKENVDIWSVGCIMGEMVRHKILFPGRDYIDQWNKVIE
QLGTPCPEFMKKLQPTVRNYVENRPKYAGLTFPKLFPDSLFPADSEHNKLKASQARDLLSKMLVIDPAKRISVDDALQHP
YINVWYDPAEVEAPPPQIYDKQLDEREHTIEEWKELIYKEVMNS
;
_entity_poly.pdbx_strand_id   A
#
loop_
_chem_comp.id
_chem_comp.type
_chem_comp.name
_chem_comp.formula
984 non-polymer CYCLOPROPYL-{4-[5-(3,4-DICHLOROPHENYL)-2-[(1-METHYL)-PIPERIDIN]-4-YL-3-PROPYL-3H-IMIDAZOL-4-YL]-PYRIMIDIN-2-YL}AMINE 'C25 H30 Cl2 N6'
#
# COMPACT_ATOMS: atom_id res chain seq x y z
N ASP A 8 -33.63 21.45 -8.57
CA ASP A 8 -33.93 20.31 -7.66
C ASP A 8 -32.85 19.24 -7.87
N ASN A 9 -31.61 19.71 -7.85
CA ASN A 9 -30.48 18.83 -8.08
C ASN A 9 -30.19 17.93 -6.90
N GLN A 10 -29.76 16.71 -7.21
CA GLN A 10 -29.40 15.72 -6.20
C GLN A 10 -28.04 16.09 -5.56
N PHE A 11 -27.39 17.12 -6.10
CA PHE A 11 -26.07 17.51 -5.63
C PHE A 11 -26.02 18.90 -5.06
N TYR A 12 -24.88 19.25 -4.45
CA TYR A 12 -24.68 20.57 -3.92
C TYR A 12 -23.18 20.76 -3.84
N SER A 13 -22.73 22.00 -3.88
CA SER A 13 -21.31 22.27 -3.87
C SER A 13 -20.77 22.91 -2.61
N VAL A 14 -19.58 22.48 -2.21
CA VAL A 14 -18.93 23.00 -1.02
C VAL A 14 -17.49 23.38 -1.30
N GLU A 15 -17.03 24.44 -0.64
CA GLU A 15 -15.67 24.90 -0.82
C GLU A 15 -14.75 24.20 0.17
N VAL A 16 -13.75 23.47 -0.34
CA VAL A 16 -12.76 22.78 0.51
C VAL A 16 -11.38 23.15 -0.03
N GLY A 17 -10.70 24.06 0.66
CA GLY A 17 -9.40 24.54 0.21
C GLY A 17 -9.67 25.41 -1.02
N ASP A 18 -8.78 25.38 -2.01
CA ASP A 18 -9.01 26.17 -3.21
C ASP A 18 -9.78 25.28 -4.18
N SER A 19 -10.38 24.22 -3.61
CA SER A 19 -11.15 23.25 -4.39
C SER A 19 -12.64 23.22 -4.04
N THR A 20 -13.45 22.76 -4.99
CA THR A 20 -14.89 22.67 -4.80
C THR A 20 -15.38 21.22 -4.86
N PHE A 21 -16.11 20.78 -3.84
CA PHE A 21 -16.65 19.43 -3.80
C PHE A 21 -18.16 19.45 -4.12
N THR A 22 -18.55 18.85 -5.25
CA THR A 22 -19.97 18.80 -5.63
C THR A 22 -20.43 17.38 -5.35
N VAL A 23 -21.18 17.19 -4.27
CA VAL A 23 -21.61 15.85 -3.89
C VAL A 23 -23.11 15.64 -3.68
N LEU A 24 -23.53 14.38 -3.60
CA LEU A 24 -24.92 14.07 -3.36
C LEU A 24 -25.31 14.65 -2.00
N LYS A 25 -26.54 15.14 -1.89
CA LYS A 25 -27.01 15.76 -0.66
C LYS A 25 -26.97 14.88 0.58
N ARG A 26 -26.88 13.57 0.40
CA ARG A 26 -26.82 12.64 1.55
C ARG A 26 -25.55 12.84 2.36
N TYR A 27 -24.49 13.29 1.68
CA TYR A 27 -23.20 13.51 2.32
C TYR A 27 -23.14 14.94 2.88
N GLN A 28 -22.96 15.05 4.20
CA GLN A 28 -22.93 16.34 4.86
C GLN A 28 -21.76 16.60 5.80
N ASN A 29 -21.54 17.88 6.04
CA ASN A 29 -20.51 18.36 6.93
C ASN A 29 -19.09 17.95 6.52
N LEU A 30 -18.78 18.09 5.24
CA LEU A 30 -17.49 17.71 4.71
C LEU A 30 -16.35 18.38 5.49
N LYS A 31 -15.22 17.68 5.57
CA LYS A 31 -14.07 18.19 6.29
C LYS A 31 -12.83 17.58 5.65
N PRO A 32 -11.90 18.43 5.18
CA PRO A 32 -10.64 18.00 4.53
C PRO A 32 -9.83 17.15 5.50
N ILE A 33 -9.28 16.03 5.04
CA ILE A 33 -8.49 15.19 5.93
C ILE A 33 -7.24 14.70 5.24
N GLY A 34 -7.15 14.96 3.94
CA GLY A 34 -5.98 14.53 3.20
C GLY A 34 -6.02 14.88 1.72
N SER A 35 -4.85 15.02 1.13
CA SER A 35 -4.75 15.35 -0.29
C SER A 35 -3.56 14.62 -0.88
N GLY A 36 -3.47 14.69 -2.20
CA GLY A 36 -2.39 14.02 -2.89
C GLY A 36 -2.41 14.38 -4.36
N ALA A 37 -1.49 13.77 -5.11
CA ALA A 37 -1.38 14.03 -6.53
C ALA A 37 -2.47 13.34 -7.36
N GLN A 38 -3.30 12.50 -6.72
CA GLN A 38 -4.37 11.79 -7.42
C GLN A 38 -5.73 12.29 -6.96
N GLY A 39 -5.77 13.02 -5.86
CA GLY A 39 -7.06 13.51 -5.38
C GLY A 39 -7.08 14.07 -3.96
N ILE A 40 -8.24 14.61 -3.59
CA ILE A 40 -8.48 15.21 -2.27
C ILE A 40 -9.45 14.36 -1.49
N VAL A 41 -9.15 14.12 -0.22
CA VAL A 41 -10.04 13.32 0.60
C VAL A 41 -10.72 14.15 1.70
N CYS A 42 -11.99 13.85 1.95
CA CYS A 42 -12.80 14.53 2.96
C CYS A 42 -13.54 13.54 3.83
N ALA A 43 -13.78 13.93 5.08
CA ALA A 43 -14.57 13.12 6.01
C ALA A 43 -15.97 13.73 5.87
N ALA A 44 -16.99 12.93 6.14
CA ALA A 44 -18.37 13.38 6.03
C ALA A 44 -19.33 12.41 6.68
N TYR A 45 -20.54 12.92 6.94
CA TYR A 45 -21.61 12.11 7.49
C TYR A 45 -22.56 11.74 6.35
N ASP A 46 -22.85 10.47 6.22
CA ASP A 46 -23.74 9.99 5.19
C ASP A 46 -25.11 9.79 5.89
N ALA A 47 -26.01 10.77 5.70
CA ALA A 47 -27.34 10.74 6.32
C ALA A 47 -28.22 9.56 5.92
N VAL A 48 -27.91 8.90 4.82
CA VAL A 48 -28.73 7.75 4.43
C VAL A 48 -28.29 6.49 5.19
N LEU A 49 -26.98 6.35 5.38
CA LEU A 49 -26.50 5.16 6.10
C LEU A 49 -26.32 5.49 7.58
N ASP A 50 -26.50 6.76 7.94
CA ASP A 50 -26.33 7.19 9.32
C ASP A 50 -24.96 6.67 9.78
N ARG A 51 -23.95 6.92 8.96
CA ARG A 51 -22.59 6.45 9.21
C ARG A 51 -21.62 7.49 8.65
N ASN A 52 -20.40 7.52 9.19
CA ASN A 52 -19.40 8.47 8.69
C ASN A 52 -18.70 7.78 7.55
N VAL A 53 -18.25 8.57 6.59
CA VAL A 53 -17.59 8.05 5.40
C VAL A 53 -16.49 8.99 4.94
N ALA A 54 -15.63 8.48 4.07
CA ALA A 54 -14.55 9.29 3.48
C ALA A 54 -14.94 9.35 2.02
N ILE A 55 -14.70 10.52 1.43
CA ILE A 55 -15.02 10.81 0.04
C ILE A 55 -13.80 11.36 -0.64
N LYS A 56 -13.43 10.76 -1.76
CA LYS A 56 -12.25 11.21 -2.49
C LYS A 56 -12.68 11.70 -3.88
N LYS A 57 -12.16 12.86 -4.25
CA LYS A 57 -12.44 13.44 -5.55
C LYS A 57 -11.30 13.26 -6.57
N LEU A 58 -11.57 12.64 -7.70
CA LEU A 58 -10.56 12.52 -8.73
C LEU A 58 -10.93 13.62 -9.71
N SER A 59 -10.08 14.62 -9.84
CA SER A 59 -10.33 15.72 -10.74
C SER A 59 -9.77 15.41 -12.11
N ARG A 60 -10.63 15.36 -13.11
CA ARG A 60 -10.22 15.03 -14.48
C ARG A 60 -9.11 13.96 -14.50
N PRO A 61 -9.42 12.76 -14.00
CA PRO A 61 -8.45 11.65 -13.94
C PRO A 61 -7.92 11.18 -15.31
N PHE A 62 -8.59 11.61 -16.36
CA PHE A 62 -8.20 11.25 -17.69
C PHE A 62 -7.21 12.27 -18.24
N GLN A 63 -6.82 13.27 -17.45
CA GLN A 63 -5.90 14.30 -17.92
C GLN A 63 -4.57 13.82 -18.52
N ASN A 64 -4.00 12.71 -18.01
CA ASN A 64 -2.79 12.12 -18.59
C ASN A 64 -2.83 10.60 -18.39
N GLN A 65 -1.94 9.88 -19.05
CA GLN A 65 -1.91 8.41 -18.93
C GLN A 65 -1.67 7.91 -17.53
N THR A 66 -0.80 8.59 -16.81
CA THR A 66 -0.48 8.22 -15.45
C THR A 66 -1.78 8.16 -14.63
N HIS A 67 -2.41 9.31 -14.42
CA HIS A 67 -3.67 9.35 -13.66
C HIS A 67 -4.74 8.41 -14.19
N ALA A 68 -4.87 8.34 -15.52
CA ALA A 68 -5.90 7.55 -16.17
C ALA A 68 -5.79 6.06 -15.94
N LYS A 69 -4.62 5.52 -16.17
CA LYS A 69 -4.38 4.10 -15.99
C LYS A 69 -4.71 3.68 -14.56
N ARG A 70 -4.22 4.44 -13.60
CA ARG A 70 -4.46 4.14 -12.20
C ARG A 70 -5.95 4.19 -11.83
N ALA A 71 -6.61 5.30 -12.14
CA ALA A 71 -8.03 5.44 -11.83
C ALA A 71 -8.88 4.29 -12.41
N TYR A 72 -8.62 3.94 -13.67
CA TYR A 72 -9.37 2.90 -14.34
C TYR A 72 -9.08 1.55 -13.73
N ARG A 73 -7.80 1.24 -13.53
CA ARG A 73 -7.40 -0.03 -12.92
C ARG A 73 -8.06 -0.20 -11.55
N GLU A 74 -7.94 0.82 -10.73
CA GLU A 74 -8.50 0.74 -9.40
C GLU A 74 -10.03 0.65 -9.44
N LEU A 75 -10.67 1.31 -10.40
CA LEU A 75 -12.13 1.23 -10.50
C LEU A 75 -12.53 -0.19 -10.85
N VAL A 76 -11.76 -0.79 -11.74
CA VAL A 76 -12.02 -2.15 -12.16
C VAL A 76 -11.63 -3.17 -11.07
N LEU A 77 -10.46 -2.98 -10.46
CA LEU A 77 -10.00 -3.89 -9.41
C LEU A 77 -10.92 -3.95 -8.22
N MET A 78 -11.44 -2.81 -7.81
CA MET A 78 -12.29 -2.82 -6.66
C MET A 78 -13.46 -3.77 -6.80
N LYS A 79 -13.72 -4.20 -8.03
CA LYS A 79 -14.80 -5.15 -8.28
C LYS A 79 -14.28 -6.59 -8.25
N CYS A 80 -12.97 -6.76 -8.46
CA CYS A 80 -12.36 -8.10 -8.44
C CYS A 80 -11.97 -8.56 -7.04
N VAL A 81 -12.27 -7.76 -6.02
CA VAL A 81 -11.90 -8.11 -4.66
C VAL A 81 -13.02 -7.99 -3.64
N ASN A 82 -13.03 -8.89 -2.69
CA ASN A 82 -14.06 -8.87 -1.68
C ASN A 82 -13.51 -9.32 -0.34
N HIS A 83 -12.81 -8.41 0.35
CA HIS A 83 -12.16 -8.79 1.59
C HIS A 83 -12.15 -7.64 2.58
N LYS A 84 -12.32 -7.96 3.84
CA LYS A 84 -12.39 -6.91 4.85
C LYS A 84 -11.10 -6.12 5.06
N ASN A 85 -9.98 -6.64 4.57
CA ASN A 85 -8.72 -5.98 4.71
C ASN A 85 -8.30 -5.23 3.46
N ILE A 86 -9.23 -5.13 2.52
CA ILE A 86 -9.00 -4.46 1.24
C ILE A 86 -10.10 -3.43 1.08
N ILE A 87 -9.78 -2.27 0.52
CA ILE A 87 -10.77 -1.23 0.33
C ILE A 87 -11.98 -1.74 -0.45
N SER A 88 -13.18 -1.32 -0.04
CA SER A 88 -14.40 -1.65 -0.77
C SER A 88 -15.21 -0.37 -0.83
N LEU A 89 -15.75 -0.06 -2.00
CA LEU A 89 -16.53 1.14 -2.18
C LEU A 89 -17.97 1.03 -1.69
N LEU A 90 -18.46 2.14 -1.16
CA LEU A 90 -19.84 2.27 -0.68
C LEU A 90 -20.61 2.97 -1.80
N ASN A 91 -19.91 3.83 -2.53
CA ASN A 91 -20.53 4.59 -3.60
C ASN A 91 -19.47 5.21 -4.52
N VAL A 92 -19.87 5.47 -5.75
CA VAL A 92 -19.00 6.08 -6.75
C VAL A 92 -19.98 6.89 -7.57
N PHE A 93 -19.63 8.13 -7.88
CA PHE A 93 -20.55 8.91 -8.66
C PHE A 93 -19.89 10.07 -9.33
N THR A 94 -20.58 10.66 -10.29
CA THR A 94 -20.10 11.84 -10.98
C THR A 94 -21.27 12.81 -11.08
N PRO A 95 -21.03 14.09 -10.73
CA PRO A 95 -22.06 15.14 -10.79
C PRO A 95 -22.42 15.47 -12.24
N GLN A 96 -21.50 15.23 -13.17
CA GLN A 96 -21.73 15.52 -14.59
C GLN A 96 -22.66 14.53 -15.26
N LYS A 97 -23.58 15.07 -16.06
CA LYS A 97 -24.61 14.28 -16.72
C LYS A 97 -24.30 13.59 -18.03
N THR A 98 -23.31 14.07 -18.75
CA THR A 98 -22.96 13.43 -20.01
C THR A 98 -21.46 13.28 -20.16
N LEU A 99 -21.05 12.39 -21.07
CA LEU A 99 -19.64 12.14 -21.33
C LEU A 99 -18.93 13.44 -21.73
N GLU A 100 -19.60 14.24 -22.54
CA GLU A 100 -19.03 15.51 -23.00
C GLU A 100 -18.69 16.37 -21.80
N GLU A 101 -19.65 16.48 -20.88
CA GLU A 101 -19.51 17.28 -19.67
C GLU A 101 -18.66 16.64 -18.56
N PHE A 102 -18.42 15.34 -18.66
CA PHE A 102 -17.65 14.57 -17.68
C PHE A 102 -16.30 15.16 -17.25
N GLN A 103 -16.12 15.33 -15.95
CA GLN A 103 -14.86 15.88 -15.44
C GLN A 103 -14.30 15.20 -14.19
N ASP A 104 -15.15 15.00 -13.18
CA ASP A 104 -14.71 14.42 -11.92
C ASP A 104 -15.44 13.18 -11.46
N VAL A 105 -14.73 12.32 -10.74
CA VAL A 105 -15.27 11.08 -10.21
C VAL A 105 -15.12 11.15 -8.70
N TYR A 106 -16.20 10.88 -7.96
CA TYR A 106 -16.18 10.86 -6.48
C TYR A 106 -16.27 9.43 -5.98
N LEU A 107 -15.36 9.06 -5.09
CA LEU A 107 -15.33 7.72 -4.54
C LEU A 107 -15.66 7.79 -3.06
N VAL A 108 -16.47 6.85 -2.58
CA VAL A 108 -16.88 6.85 -1.18
C VAL A 108 -16.64 5.52 -0.48
N MET A 109 -16.08 5.60 0.73
CA MET A 109 -15.85 4.39 1.50
C MET A 109 -16.03 4.70 2.98
N GLU A 110 -15.98 3.66 3.79
CA GLU A 110 -16.11 3.78 5.23
C GLU A 110 -14.98 4.63 5.84
N LEU A 111 -15.36 5.55 6.70
CA LEU A 111 -14.38 6.43 7.32
C LEU A 111 -13.50 5.70 8.34
N MET A 112 -12.21 5.73 8.06
CA MET A 112 -11.21 5.13 8.90
C MET A 112 -10.64 6.25 9.83
N ASP A 113 -9.95 5.85 10.89
CA ASP A 113 -9.43 6.79 11.89
C ASP A 113 -8.03 7.31 11.72
N ALA A 114 -7.16 6.54 11.06
CA ALA A 114 -5.79 6.98 10.91
C ALA A 114 -5.06 6.16 9.88
N ASN A 115 -3.98 6.70 9.35
CA ASN A 115 -3.19 5.94 8.40
C ASN A 115 -2.05 5.25 9.17
N LEU A 116 -1.30 4.38 8.51
CA LEU A 116 -0.24 3.63 9.19
C LEU A 116 0.97 4.46 9.59
N CYS A 117 1.18 5.59 8.93
CA CYS A 117 2.28 6.46 9.29
C CYS A 117 2.08 6.89 10.74
N GLN A 118 0.85 7.22 11.12
CA GLN A 118 0.55 7.65 12.48
C GLN A 118 0.79 6.52 13.48
N VAL A 119 0.44 5.30 13.09
CA VAL A 119 0.60 4.13 13.92
C VAL A 119 2.07 3.82 14.15
N ILE A 120 2.88 4.03 13.12
CA ILE A 120 4.32 3.80 13.18
C ILE A 120 4.95 4.75 14.20
N GLN A 121 4.38 5.94 14.30
CA GLN A 121 4.88 6.94 15.25
C GLN A 121 4.62 6.52 16.70
N MET A 122 3.77 5.53 16.92
CA MET A 122 3.53 5.15 18.30
C MET A 122 4.18 3.86 18.74
N GLU A 123 4.29 3.71 20.05
CA GLU A 123 4.84 2.50 20.62
C GLU A 123 3.67 1.52 20.62
N LEU A 124 3.86 0.32 20.11
CA LEU A 124 2.76 -0.65 20.09
C LEU A 124 3.09 -1.97 20.82
N ASP A 125 2.10 -2.54 21.47
CA ASP A 125 2.34 -3.80 22.13
C ASP A 125 2.45 -4.83 21.00
N HIS A 126 2.86 -6.05 21.34
CA HIS A 126 3.01 -7.13 20.39
C HIS A 126 1.69 -7.62 19.83
N GLU A 127 0.66 -7.55 20.66
CA GLU A 127 -0.68 -7.94 20.26
C GLU A 127 -1.20 -7.10 19.09
N ARG A 128 -0.99 -5.79 19.16
CA ARG A 128 -1.47 -4.91 18.10
C ARG A 128 -0.57 -4.97 16.86
N MET A 129 0.75 -5.02 17.06
CA MET A 129 1.64 -5.07 15.93
C MET A 129 1.39 -6.35 15.14
N SER A 130 1.33 -7.48 15.84
CA SER A 130 1.10 -8.75 15.12
C SER A 130 -0.29 -8.79 14.49
N TYR A 131 -1.29 -8.19 15.12
CA TYR A 131 -2.64 -8.20 14.55
C TYR A 131 -2.63 -7.37 13.26
N LEU A 132 -2.01 -6.19 13.31
CA LEU A 132 -1.88 -5.37 12.12
C LEU A 132 -1.15 -6.16 11.03
N LEU A 133 0.01 -6.71 11.35
CA LEU A 133 0.76 -7.47 10.35
C LEU A 133 -0.10 -8.62 9.79
N TYR A 134 -0.81 -9.31 10.65
CA TYR A 134 -1.65 -10.40 10.21
C TYR A 134 -2.68 -9.93 9.15
N GLN A 135 -3.20 -8.73 9.34
CA GLN A 135 -4.20 -8.18 8.42
C GLN A 135 -3.59 -7.80 7.10
N MET A 136 -2.39 -7.24 7.13
CA MET A 136 -1.72 -6.87 5.90
C MET A 136 -1.55 -8.15 5.11
N LEU A 137 -1.13 -9.20 5.80
CA LEU A 137 -0.90 -10.48 5.13
C LEU A 137 -2.15 -11.10 4.55
N CYS A 138 -3.28 -11.02 5.26
CA CYS A 138 -4.54 -11.58 4.77
C CYS A 138 -5.00 -10.79 3.54
N GLY A 139 -4.79 -9.48 3.56
CA GLY A 139 -5.19 -8.68 2.42
C GLY A 139 -4.33 -9.01 1.22
N ILE A 140 -3.01 -9.03 1.43
CA ILE A 140 -2.06 -9.33 0.36
C ILE A 140 -2.33 -10.72 -0.23
N LYS A 141 -2.66 -11.66 0.65
CA LYS A 141 -2.95 -13.01 0.21
C LYS A 141 -4.19 -12.99 -0.67
N HIS A 142 -5.17 -12.18 -0.28
CA HIS A 142 -6.40 -12.06 -1.06
C HIS A 142 -6.12 -11.49 -2.44
N LEU A 143 -5.28 -10.45 -2.50
CA LEU A 143 -4.94 -9.84 -3.77
C LEU A 143 -4.22 -10.87 -4.62
N HIS A 144 -3.26 -11.57 -4.03
CA HIS A 144 -2.52 -12.58 -4.79
C HIS A 144 -3.48 -13.60 -5.35
N SER A 145 -4.46 -14.02 -4.56
CA SER A 145 -5.42 -15.00 -5.04
C SER A 145 -6.19 -14.46 -6.26
N ALA A 146 -6.34 -13.14 -6.34
CA ALA A 146 -7.07 -12.58 -7.48
C ALA A 146 -6.15 -12.21 -8.64
N GLY A 147 -4.90 -12.67 -8.59
CA GLY A 147 -3.94 -12.39 -9.64
C GLY A 147 -3.33 -11.00 -9.57
N ILE A 148 -3.48 -10.36 -8.41
CA ILE A 148 -2.97 -9.00 -8.22
C ILE A 148 -1.76 -9.02 -7.31
N ILE A 149 -0.58 -8.72 -7.87
CA ILE A 149 0.64 -8.62 -7.07
C ILE A 149 0.80 -7.10 -6.95
N HIS A 150 0.81 -6.60 -5.73
CA HIS A 150 0.84 -5.16 -5.47
C HIS A 150 2.10 -4.45 -5.87
N ARG A 151 3.22 -4.83 -5.25
CA ARG A 151 4.55 -4.30 -5.54
C ARG A 151 4.81 -2.89 -5.05
N ASP A 152 3.80 -2.22 -4.53
CA ASP A 152 4.06 -0.89 -4.03
C ASP A 152 3.37 -0.60 -2.72
N LEU A 153 3.37 -1.56 -1.81
CA LEU A 153 2.74 -1.33 -0.53
C LEU A 153 3.49 -0.28 0.27
N LYS A 154 2.76 0.64 0.88
CA LYS A 154 3.39 1.67 1.69
C LYS A 154 2.46 2.11 2.81
N PRO A 155 3.04 2.64 3.90
CA PRO A 155 2.15 3.03 5.00
C PRO A 155 1.14 4.14 4.71
N SER A 156 1.46 5.05 3.81
CA SER A 156 0.51 6.12 3.60
C SER A 156 -0.78 5.60 2.93
N ASN A 157 -0.68 4.44 2.30
CA ASN A 157 -1.83 3.80 1.65
C ASN A 157 -2.51 2.73 2.50
N ILE A 158 -2.23 2.70 3.79
CA ILE A 158 -2.89 1.70 4.64
C ILE A 158 -3.56 2.50 5.75
N VAL A 159 -4.82 2.19 6.05
CA VAL A 159 -5.58 2.88 7.09
C VAL A 159 -6.05 1.93 8.17
N VAL A 160 -6.29 2.49 9.34
CA VAL A 160 -6.70 1.71 10.48
C VAL A 160 -7.80 2.42 11.26
N LYS A 161 -8.41 1.68 12.18
CA LYS A 161 -9.43 2.23 13.06
C LYS A 161 -8.94 2.04 14.49
N SER A 162 -9.65 2.64 15.43
CA SER A 162 -9.27 2.53 16.83
C SER A 162 -9.31 1.10 17.32
N ASP A 163 -10.21 0.28 16.79
CA ASP A 163 -10.30 -1.13 17.21
C ASP A 163 -9.24 -2.00 16.59
N CYS A 164 -8.24 -1.36 16.00
CA CYS A 164 -7.11 -2.06 15.38
C CYS A 164 -7.38 -2.72 14.02
N THR A 165 -8.54 -2.47 13.43
CA THR A 165 -8.83 -3.07 12.13
C THR A 165 -8.12 -2.30 11.03
N LEU A 166 -7.75 -3.02 9.98
CA LEU A 166 -6.97 -2.45 8.88
C LEU A 166 -7.44 -2.69 7.46
N LYS A 167 -7.21 -1.70 6.60
CA LYS A 167 -7.56 -1.81 5.19
C LYS A 167 -6.42 -1.28 4.30
N ILE A 168 -6.11 -2.03 3.25
CA ILE A 168 -5.09 -1.59 2.29
C ILE A 168 -5.97 -0.84 1.26
N LEU A 169 -5.56 0.35 0.86
CA LEU A 169 -6.36 1.20 -0.04
C LEU A 169 -6.15 1.15 -1.56
N ASP A 170 -5.01 0.65 -2.03
CA ASP A 170 -4.76 0.71 -3.46
C ASP A 170 -4.32 -0.64 -4.02
N PHE A 171 -4.18 -0.73 -5.35
CA PHE A 171 -3.80 -1.98 -5.95
C PHE A 171 -2.39 -2.07 -6.54
N GLY A 172 -1.56 -1.08 -6.23
CA GLY A 172 -0.18 -1.13 -6.68
C GLY A 172 0.12 -0.69 -8.09
N LEU A 173 1.24 -1.21 -8.59
CA LEU A 173 1.76 -0.93 -9.93
C LEU A 173 1.07 -1.76 -11.01
N ALA A 174 1.07 -1.25 -12.23
CA ALA A 174 0.48 -1.98 -13.35
C ALA A 174 1.53 -2.92 -13.95
N SER A 180 5.40 6.22 -15.76
CA SER A 180 5.71 7.19 -16.85
C SER A 180 5.86 8.63 -16.31
N PHE A 181 5.68 9.62 -17.19
CA PHE A 181 5.85 11.02 -16.80
C PHE A 181 4.63 11.80 -16.28
N MET A 182 4.90 12.70 -15.33
CA MET A 182 3.89 13.57 -14.73
C MET A 182 4.59 14.83 -14.26
N MET A 183 3.85 15.93 -14.16
CA MET A 183 4.42 17.20 -13.69
C MET A 183 3.90 17.60 -12.31
N THR A 184 3.59 16.61 -11.48
CA THR A 184 3.08 16.87 -10.14
C THR A 184 4.15 17.54 -9.28
N PRO A 185 3.73 18.42 -8.35
CA PRO A 185 4.70 19.10 -7.49
C PRO A 185 5.43 18.11 -6.56
N TYR A 186 4.87 16.91 -6.39
CA TYR A 186 5.51 15.93 -5.49
C TYR A 186 5.79 14.56 -6.08
N VAL A 187 6.94 14.00 -5.70
CA VAL A 187 7.41 12.70 -6.17
C VAL A 187 6.73 11.50 -5.48
N VAL A 188 7.17 10.31 -5.84
CA VAL A 188 6.62 9.08 -5.30
C VAL A 188 7.55 8.51 -4.23
N THR A 189 6.97 7.81 -3.25
CA THR A 189 7.72 7.20 -2.15
C THR A 189 8.09 5.78 -2.55
N ARG A 190 9.39 5.51 -2.68
CA ARG A 190 9.86 4.20 -3.10
C ARG A 190 10.58 3.35 -2.04
N TYR A 191 10.74 3.90 -0.83
CA TYR A 191 11.42 3.24 0.29
C TYR A 191 11.01 1.78 0.62
N TYR A 192 9.81 1.37 0.20
CA TYR A 192 9.29 0.03 0.51
C TYR A 192 9.29 -0.94 -0.67
N ARG A 193 9.88 -0.55 -1.79
CA ARG A 193 9.91 -1.40 -2.97
C ARG A 193 11.02 -2.43 -2.84
N ALA A 194 10.72 -3.65 -3.27
CA ALA A 194 11.66 -4.78 -3.19
C ALA A 194 12.81 -4.63 -4.15
N PRO A 195 13.92 -5.36 -3.90
CA PRO A 195 15.14 -5.35 -4.71
C PRO A 195 14.77 -5.59 -6.16
N GLU A 196 13.88 -6.55 -6.36
CA GLU A 196 13.43 -6.90 -7.70
C GLU A 196 12.70 -5.76 -8.41
N VAL A 197 11.99 -4.92 -7.65
CA VAL A 197 11.34 -3.77 -8.26
C VAL A 197 12.41 -2.69 -8.51
N ILE A 198 13.28 -2.51 -7.52
CA ILE A 198 14.36 -1.53 -7.58
C ILE A 198 15.41 -1.84 -8.64
N LEU A 199 15.63 -3.12 -8.92
CA LEU A 199 16.64 -3.51 -9.87
C LEU A 199 16.00 -4.04 -11.16
N GLY A 200 14.70 -3.82 -11.27
CA GLY A 200 13.99 -4.25 -12.45
C GLY A 200 14.24 -5.70 -12.85
N MET A 201 13.79 -6.66 -12.06
CA MET A 201 13.99 -8.05 -12.45
C MET A 201 12.63 -8.74 -12.44
N GLY A 202 12.59 -10.04 -12.71
CA GLY A 202 11.31 -10.73 -12.68
C GLY A 202 10.87 -10.77 -11.23
N TYR A 203 9.63 -11.12 -10.98
CA TYR A 203 9.18 -11.17 -9.59
C TYR A 203 8.03 -12.13 -9.44
N LYS A 204 7.75 -12.51 -8.19
CA LYS A 204 6.68 -13.42 -7.86
C LYS A 204 5.85 -12.82 -6.70
N GLU A 205 4.88 -13.58 -6.21
CA GLU A 205 4.01 -13.14 -5.13
C GLU A 205 4.75 -12.53 -3.94
N ASN A 206 5.88 -13.12 -3.55
CA ASN A 206 6.56 -12.61 -2.36
C ASN A 206 7.32 -11.30 -2.50
N VAL A 207 7.16 -10.65 -3.65
CA VAL A 207 7.78 -9.34 -3.82
C VAL A 207 7.12 -8.42 -2.75
N ASP A 208 5.85 -8.71 -2.39
CA ASP A 208 5.12 -7.90 -1.40
C ASP A 208 5.56 -8.16 0.04
N ILE A 209 6.18 -9.32 0.28
CA ILE A 209 6.67 -9.66 1.63
C ILE A 209 7.82 -8.73 2.04
N TRP A 210 8.56 -8.21 1.06
CA TRP A 210 9.67 -7.31 1.36
C TRP A 210 9.10 -6.02 1.89
N SER A 211 7.99 -5.58 1.29
CA SER A 211 7.35 -4.35 1.71
C SER A 211 6.76 -4.50 3.12
N VAL A 212 6.20 -5.68 3.44
CA VAL A 212 5.65 -5.90 4.78
C VAL A 212 6.77 -5.79 5.83
N GLY A 213 7.97 -6.27 5.48
CA GLY A 213 9.10 -6.23 6.40
C GLY A 213 9.69 -4.83 6.59
N CYS A 214 9.57 -3.98 5.58
CA CYS A 214 10.06 -2.60 5.68
C CYS A 214 9.12 -1.84 6.62
N ILE A 215 7.86 -2.22 6.60
CA ILE A 215 6.86 -1.61 7.45
C ILE A 215 7.04 -2.09 8.89
N MET A 216 7.15 -3.41 9.07
CA MET A 216 7.33 -3.97 10.39
C MET A 216 8.60 -3.47 11.06
N GLY A 217 9.66 -3.34 10.27
CA GLY A 217 10.92 -2.87 10.79
C GLY A 217 10.81 -1.40 11.20
N GLU A 218 10.05 -0.64 10.43
CA GLU A 218 9.84 0.77 10.74
C GLU A 218 9.00 0.91 12.01
N MET A 219 8.02 0.01 12.20
CA MET A 219 7.19 0.09 13.40
C MET A 219 8.05 -0.11 14.63
N VAL A 220 9.13 -0.86 14.46
CA VAL A 220 10.02 -1.14 15.57
C VAL A 220 11.08 -0.04 15.77
N ARG A 221 11.85 0.21 14.71
CA ARG A 221 12.91 1.19 14.75
C ARG A 221 12.40 2.63 14.73
N HIS A 222 11.16 2.82 14.30
CA HIS A 222 10.53 4.13 14.21
C HIS A 222 11.25 5.06 13.24
N LYS A 223 11.80 4.46 12.20
CA LYS A 223 12.50 5.22 11.18
C LYS A 223 12.50 4.43 9.91
N ILE A 224 12.39 5.11 8.78
CA ILE A 224 12.44 4.47 7.47
C ILE A 224 13.76 3.67 7.35
N LEU A 225 13.65 2.37 7.14
CA LEU A 225 14.83 1.52 7.03
C LEU A 225 15.78 1.82 5.87
N PHE A 226 15.22 2.09 4.69
CA PHE A 226 16.03 2.31 3.50
C PHE A 226 15.68 3.61 2.78
N PRO A 227 15.99 4.78 3.38
CA PRO A 227 15.68 6.07 2.75
C PRO A 227 16.54 6.30 1.53
N GLY A 228 16.49 7.52 1.01
CA GLY A 228 17.32 7.81 -0.15
C GLY A 228 16.64 8.64 -1.21
N ARG A 229 17.39 9.57 -1.79
CA ARG A 229 16.87 10.45 -2.83
C ARG A 229 16.34 9.64 -4.01
N ASP A 230 17.03 8.54 -4.31
CA ASP A 230 16.62 7.72 -5.44
C ASP A 230 17.06 6.28 -5.26
N TYR A 231 16.79 5.46 -6.26
CA TYR A 231 17.15 4.06 -6.18
C TYR A 231 18.64 3.80 -5.92
N ILE A 232 19.50 4.78 -6.22
CA ILE A 232 20.96 4.61 -6.02
C ILE A 232 21.19 4.60 -4.53
N ASP A 233 20.79 5.68 -3.88
CA ASP A 233 20.90 5.81 -2.43
C ASP A 233 20.24 4.65 -1.71
N GLN A 234 18.99 4.36 -2.09
CA GLN A 234 18.21 3.28 -1.48
C GLN A 234 18.97 1.95 -1.47
N TRP A 235 19.46 1.54 -2.63
CA TRP A 235 20.21 0.30 -2.73
C TRP A 235 21.43 0.32 -1.80
N ASN A 236 22.06 1.49 -1.63
CA ASN A 236 23.20 1.57 -0.73
C ASN A 236 22.74 1.31 0.70
N LYS A 237 21.57 1.84 1.07
CA LYS A 237 21.06 1.59 2.41
C LYS A 237 20.70 0.09 2.58
N VAL A 238 20.22 -0.54 1.51
CA VAL A 238 19.89 -1.95 1.66
C VAL A 238 21.12 -2.85 1.92
N ILE A 239 22.19 -2.69 1.13
CA ILE A 239 23.36 -3.54 1.29
C ILE A 239 24.21 -3.22 2.52
N GLU A 240 24.21 -1.96 2.95
CA GLU A 240 24.97 -1.56 4.13
C GLU A 240 24.40 -2.18 5.41
N GLN A 241 23.12 -2.59 5.38
CA GLN A 241 22.51 -3.19 6.55
C GLN A 241 22.33 -4.68 6.37
N LEU A 242 21.91 -5.12 5.20
CA LEU A 242 21.72 -6.55 5.03
C LEU A 242 22.91 -7.22 4.36
N GLY A 243 23.81 -6.42 3.80
CA GLY A 243 24.97 -6.97 3.12
C GLY A 243 24.73 -7.27 1.66
N THR A 244 25.83 -7.44 0.93
CA THR A 244 25.82 -7.73 -0.48
C THR A 244 25.12 -9.06 -0.77
N PRO A 245 24.21 -9.08 -1.75
CA PRO A 245 23.49 -10.30 -2.12
C PRO A 245 24.45 -11.45 -2.49
N CYS A 246 23.95 -12.69 -2.45
CA CYS A 246 24.74 -13.86 -2.83
C CYS A 246 25.02 -13.86 -4.33
N PRO A 247 26.17 -14.42 -4.74
CA PRO A 247 26.56 -14.50 -6.15
C PRO A 247 25.44 -14.94 -7.09
N GLU A 248 24.70 -15.98 -6.70
CA GLU A 248 23.59 -16.48 -7.53
C GLU A 248 22.55 -15.40 -7.84
N PHE A 249 22.21 -14.59 -6.83
CA PHE A 249 21.22 -13.51 -6.99
C PHE A 249 21.59 -12.66 -8.19
N MET A 250 22.88 -12.39 -8.36
CA MET A 250 23.37 -11.58 -9.47
C MET A 250 23.00 -12.16 -10.85
N LYS A 251 23.07 -13.48 -11.01
CA LYS A 251 22.76 -14.12 -12.30
C LYS A 251 21.34 -13.84 -12.74
N LYS A 252 20.53 -13.35 -11.79
CA LYS A 252 19.15 -13.04 -12.08
C LYS A 252 19.02 -11.59 -12.59
N LEU A 253 20.14 -10.87 -12.60
CA LEU A 253 20.20 -9.48 -13.03
C LEU A 253 20.53 -9.24 -14.50
N GLN A 254 19.99 -8.14 -15.06
CA GLN A 254 20.28 -7.74 -16.46
C GLN A 254 21.79 -7.48 -16.46
N PRO A 255 22.49 -7.87 -17.53
CA PRO A 255 23.94 -7.67 -17.61
C PRO A 255 24.44 -6.28 -17.20
N THR A 256 23.66 -5.26 -17.56
CA THR A 256 23.99 -3.88 -17.23
C THR A 256 23.88 -3.59 -15.74
N VAL A 257 22.69 -3.83 -15.19
CA VAL A 257 22.42 -3.65 -13.77
C VAL A 257 23.39 -4.51 -12.98
N ARG A 258 23.44 -5.77 -13.37
CA ARG A 258 24.33 -6.73 -12.73
C ARG A 258 25.74 -6.15 -12.60
N ASN A 259 26.22 -5.53 -13.67
CA ASN A 259 27.55 -4.92 -13.71
C ASN A 259 27.61 -3.91 -12.56
N TYR A 260 26.62 -3.02 -12.52
CA TYR A 260 26.51 -1.99 -11.49
C TYR A 260 26.48 -2.52 -10.05
N VAL A 261 25.67 -3.55 -9.78
CA VAL A 261 25.60 -4.07 -8.42
C VAL A 261 26.80 -4.96 -8.10
N GLU A 262 27.30 -5.66 -9.12
CA GLU A 262 28.45 -6.54 -8.91
C GLU A 262 29.68 -5.71 -8.68
N ASN A 263 29.68 -4.49 -9.23
CA ASN A 263 30.83 -3.59 -9.06
C ASN A 263 30.66 -2.56 -7.97
N ARG A 264 29.68 -2.82 -7.11
CA ARG A 264 29.39 -1.94 -5.97
C ARG A 264 30.24 -2.51 -4.80
N PRO A 265 30.64 -1.66 -3.82
CA PRO A 265 31.43 -2.10 -2.66
C PRO A 265 30.75 -3.29 -1.95
N LYS A 266 31.53 -4.30 -1.59
CA LYS A 266 30.96 -5.48 -0.93
C LYS A 266 30.82 -5.34 0.58
N TYR A 267 29.58 -5.32 1.08
CA TYR A 267 29.30 -5.20 2.52
C TYR A 267 29.01 -6.55 3.18
N ALA A 268 29.43 -6.69 4.43
CA ALA A 268 29.24 -7.91 5.19
C ALA A 268 27.81 -7.99 5.66
N GLY A 269 27.26 -6.83 5.99
CA GLY A 269 25.90 -6.79 6.47
C GLY A 269 25.89 -7.05 7.96
N LEU A 270 24.85 -6.55 8.62
CA LEU A 270 24.71 -6.70 10.06
C LEU A 270 23.72 -7.79 10.42
N THR A 271 23.86 -8.31 11.64
CA THR A 271 22.97 -9.36 12.13
C THR A 271 21.69 -8.68 12.57
N PHE A 272 20.61 -9.43 12.60
CA PHE A 272 19.37 -8.82 13.02
C PHE A 272 19.31 -8.31 14.46
N PRO A 273 20.08 -8.92 15.39
CA PRO A 273 20.06 -8.43 16.78
C PRO A 273 20.66 -7.04 16.84
N LYS A 274 21.59 -6.78 15.93
CA LYS A 274 22.23 -5.47 15.86
C LYS A 274 21.32 -4.47 15.14
N LEU A 275 20.65 -4.97 14.10
CA LEU A 275 19.75 -4.15 13.30
C LEU A 275 18.51 -3.77 14.07
N PHE A 276 18.09 -4.63 14.99
CA PHE A 276 16.89 -4.39 15.81
C PHE A 276 17.16 -4.83 17.25
N PRO A 277 17.99 -4.07 17.98
CA PRO A 277 18.35 -4.34 19.38
C PRO A 277 17.16 -4.63 20.28
N ASP A 278 17.43 -5.25 21.44
CA ASP A 278 16.36 -5.57 22.39
C ASP A 278 15.72 -4.32 22.96
N SER A 279 16.51 -3.26 23.07
CA SER A 279 16.02 -1.99 23.60
C SER A 279 14.75 -1.54 22.91
N LEU A 280 14.62 -1.90 21.63
CA LEU A 280 13.43 -1.52 20.85
C LEU A 280 12.21 -2.37 21.17
N PHE A 281 12.44 -3.48 21.86
CA PHE A 281 11.35 -4.37 22.20
C PHE A 281 11.16 -4.35 23.69
N PRO A 282 9.89 -4.40 24.12
CA PRO A 282 9.47 -4.40 25.53
C PRO A 282 9.92 -5.69 26.24
N ALA A 283 10.97 -5.62 27.04
CA ALA A 283 11.48 -6.79 27.76
C ALA A 283 11.18 -6.75 29.24
N ASP A 284 9.93 -6.44 29.59
CA ASP A 284 9.53 -6.36 31.00
C ASP A 284 8.83 -7.63 31.50
N SER A 285 8.73 -8.64 30.64
CA SER A 285 8.09 -9.89 31.04
C SER A 285 8.53 -11.00 30.10
N GLU A 286 8.44 -12.23 30.57
CA GLU A 286 8.83 -13.37 29.76
C GLU A 286 8.07 -13.39 28.44
N HIS A 287 6.78 -13.11 28.51
CA HIS A 287 5.92 -13.09 27.33
C HIS A 287 6.49 -12.14 26.31
N ASN A 288 6.76 -10.91 26.73
CA ASN A 288 7.31 -9.91 25.83
C ASN A 288 8.70 -10.27 25.37
N LYS A 289 9.44 -10.98 26.20
CA LYS A 289 10.78 -11.42 25.79
C LYS A 289 10.65 -12.49 24.70
N LEU A 290 9.68 -13.39 24.81
CA LEU A 290 9.56 -14.42 23.79
C LEU A 290 9.05 -13.80 22.51
N LYS A 291 8.05 -12.91 22.61
CA LYS A 291 7.50 -12.27 21.41
C LYS A 291 8.54 -11.44 20.66
N ALA A 292 9.45 -10.82 21.40
CA ALA A 292 10.47 -9.98 20.76
C ALA A 292 11.38 -10.86 19.90
N SER A 293 11.71 -12.02 20.43
CA SER A 293 12.54 -12.98 19.74
C SER A 293 11.85 -13.46 18.47
N GLN A 294 10.56 -13.73 18.57
CA GLN A 294 9.78 -14.19 17.42
C GLN A 294 9.61 -13.11 16.36
N ALA A 295 9.54 -11.85 16.79
CA ALA A 295 9.40 -10.75 15.86
C ALA A 295 10.69 -10.61 15.06
N ARG A 296 11.80 -10.59 15.78
CA ARG A 296 13.07 -10.45 15.10
C ARG A 296 13.21 -11.60 14.11
N ASP A 297 12.76 -12.78 14.51
CA ASP A 297 12.87 -13.92 13.61
C ASP A 297 12.11 -13.63 12.30
N LEU A 298 10.88 -13.14 12.41
CA LEU A 298 10.09 -12.85 11.22
C LEU A 298 10.77 -11.76 10.36
N LEU A 299 11.27 -10.70 11.00
CA LEU A 299 11.96 -9.67 10.26
C LEU A 299 13.09 -10.24 9.42
N SER A 300 13.92 -11.09 10.04
CA SER A 300 15.06 -11.71 9.34
C SER A 300 14.62 -12.60 8.18
N LYS A 301 13.37 -13.04 8.19
CA LYS A 301 12.88 -13.88 7.11
C LYS A 301 12.22 -13.04 6.02
N MET A 302 11.79 -11.85 6.39
CA MET A 302 11.12 -11.00 5.42
C MET A 302 12.06 -10.04 4.72
N LEU A 303 13.05 -9.54 5.46
CA LEU A 303 14.01 -8.62 4.89
C LEU A 303 15.16 -9.44 4.32
N VAL A 304 14.87 -10.16 3.26
CA VAL A 304 15.82 -11.02 2.59
C VAL A 304 15.88 -10.53 1.16
N ILE A 305 17.04 -10.04 0.75
CA ILE A 305 17.21 -9.50 -0.58
C ILE A 305 16.87 -10.47 -1.71
N ASP A 306 17.32 -11.69 -1.61
CA ASP A 306 17.03 -12.64 -2.68
C ASP A 306 15.66 -13.24 -2.50
N PRO A 307 14.74 -12.95 -3.43
CA PRO A 307 13.37 -13.47 -3.38
C PRO A 307 13.27 -15.00 -3.33
N ALA A 308 14.32 -15.68 -3.79
CA ALA A 308 14.35 -17.14 -3.80
C ALA A 308 14.44 -17.69 -2.37
N LYS A 309 15.00 -16.89 -1.46
CA LYS A 309 15.16 -17.28 -0.07
C LYS A 309 14.29 -16.50 0.94
N ARG A 310 13.41 -15.64 0.45
CA ARG A 310 12.53 -14.82 1.32
C ARG A 310 11.25 -15.59 1.59
N ILE A 311 10.75 -15.50 2.81
CA ILE A 311 9.55 -16.24 3.15
C ILE A 311 8.37 -15.78 2.30
N SER A 312 7.43 -16.69 2.05
CA SER A 312 6.24 -16.44 1.25
C SER A 312 5.11 -15.94 2.12
N VAL A 313 4.00 -15.54 1.51
CA VAL A 313 2.87 -15.03 2.28
C VAL A 313 2.29 -16.10 3.20
N ASP A 314 2.06 -17.29 2.64
CA ASP A 314 1.48 -18.39 3.43
C ASP A 314 2.34 -18.83 4.59
N ASP A 315 3.66 -18.85 4.41
CA ASP A 315 4.54 -19.24 5.49
C ASP A 315 4.61 -18.14 6.56
N ALA A 316 4.48 -16.89 6.13
CA ALA A 316 4.52 -15.78 7.10
C ALA A 316 3.27 -15.82 7.97
N LEU A 317 2.15 -16.25 7.38
CA LEU A 317 0.89 -16.37 8.10
C LEU A 317 0.94 -17.55 9.06
N GLN A 318 1.98 -18.36 8.90
CA GLN A 318 2.16 -19.56 9.70
C GLN A 318 3.23 -19.39 10.75
N HIS A 319 3.95 -18.26 10.67
CA HIS A 319 4.99 -17.96 11.63
C HIS A 319 4.32 -17.76 12.98
N PRO A 320 4.95 -18.27 14.05
CA PRO A 320 4.45 -18.17 15.42
C PRO A 320 4.01 -16.75 15.84
N TYR A 321 4.75 -15.73 15.40
CA TYR A 321 4.43 -14.36 15.74
C TYR A 321 3.08 -13.94 15.18
N ILE A 322 2.75 -14.51 14.03
CA ILE A 322 1.51 -14.18 13.34
C ILE A 322 0.38 -15.17 13.55
N ASN A 323 0.74 -16.45 13.56
CA ASN A 323 -0.20 -17.54 13.68
C ASN A 323 -1.26 -17.51 14.76
N VAL A 324 -1.02 -16.79 15.84
CA VAL A 324 -2.02 -16.72 16.90
C VAL A 324 -3.34 -16.11 16.44
N TRP A 325 -3.36 -15.46 15.28
CA TRP A 325 -4.61 -14.85 14.81
C TRP A 325 -5.23 -15.63 13.66
N TYR A 326 -4.48 -16.58 13.10
CA TYR A 326 -4.96 -17.38 11.97
C TYR A 326 -6.43 -17.74 12.08
N ASP A 327 -7.13 -17.71 10.94
CA ASP A 327 -8.56 -18.01 10.83
C ASP A 327 -8.85 -18.33 9.36
N PRO A 328 -9.22 -19.59 9.06
CA PRO A 328 -9.52 -20.04 7.69
C PRO A 328 -10.52 -19.13 6.98
N ALA A 329 -11.50 -18.63 7.73
CA ALA A 329 -12.52 -17.76 7.15
C ALA A 329 -11.89 -16.48 6.59
N GLU A 330 -10.83 -16.00 7.23
CA GLU A 330 -10.14 -14.77 6.80
C GLU A 330 -8.97 -14.99 5.81
N VAL A 331 -8.36 -16.18 5.84
CA VAL A 331 -7.22 -16.50 4.97
C VAL A 331 -7.59 -17.02 3.58
N GLU A 332 -8.84 -17.49 3.41
CA GLU A 332 -9.31 -17.98 2.10
C GLU A 332 -10.74 -17.52 1.78
N ALA A 333 -10.94 -16.90 0.61
CA ALA A 333 -12.25 -16.40 0.20
C ALA A 333 -12.46 -16.22 -1.33
N PRO A 334 -11.47 -15.62 -2.01
CA PRO A 334 -11.49 -15.37 -3.46
C PRO A 334 -12.58 -14.38 -3.90
N GLN A 342 -11.86 -10.03 -18.45
CA GLN A 342 -11.61 -8.77 -17.69
C GLN A 342 -10.38 -8.12 -18.30
N LEU A 343 -9.36 -8.96 -18.49
CA LEU A 343 -8.05 -8.59 -19.06
C LEU A 343 -7.96 -7.19 -19.69
N ASP A 344 -7.04 -6.38 -19.18
CA ASP A 344 -6.81 -5.02 -19.67
C ASP A 344 -5.31 -4.73 -19.60
N GLU A 345 -4.76 -4.06 -20.61
CA GLU A 345 -3.34 -3.78 -20.60
C GLU A 345 -2.89 -2.45 -21.23
N ARG A 346 -2.84 -2.43 -22.57
CA ARG A 346 -2.40 -1.28 -23.38
C ARG A 346 -2.72 0.12 -22.90
N GLU A 347 -2.30 1.09 -23.71
CA GLU A 347 -2.50 2.50 -23.41
C GLU A 347 -3.40 3.19 -24.44
N HIS A 348 -4.03 4.28 -24.02
CA HIS A 348 -4.94 5.02 -24.87
C HIS A 348 -4.68 6.51 -24.81
N THR A 349 -5.45 7.24 -25.60
CA THR A 349 -5.37 8.68 -25.67
C THR A 349 -6.32 9.25 -24.59
N ILE A 350 -6.16 10.54 -24.29
CA ILE A 350 -6.99 11.21 -23.30
C ILE A 350 -8.45 10.88 -23.52
N GLU A 351 -8.90 11.13 -24.73
CA GLU A 351 -10.26 10.90 -25.16
C GLU A 351 -10.69 9.47 -24.87
N GLU A 352 -9.87 8.51 -25.31
CA GLU A 352 -10.21 7.12 -25.09
C GLU A 352 -10.34 6.79 -23.59
N TRP A 353 -9.44 7.36 -22.79
CA TRP A 353 -9.44 7.13 -21.33
C TRP A 353 -10.68 7.72 -20.68
N LYS A 354 -11.04 8.93 -21.11
CA LYS A 354 -12.19 9.63 -20.57
C LYS A 354 -13.42 8.75 -20.73
N GLU A 355 -13.59 8.18 -21.91
CA GLU A 355 -14.75 7.33 -22.14
C GLU A 355 -14.64 6.05 -21.34
N LEU A 356 -13.44 5.47 -21.28
CA LEU A 356 -13.27 4.23 -20.55
C LEU A 356 -13.62 4.36 -19.08
N ILE A 357 -13.28 5.50 -18.48
CA ILE A 357 -13.55 5.73 -17.06
C ILE A 357 -15.03 6.05 -16.84
N TYR A 358 -15.57 6.89 -17.71
CA TYR A 358 -16.98 7.26 -17.62
C TYR A 358 -17.85 6.00 -17.65
N LYS A 359 -17.60 5.11 -18.58
CA LYS A 359 -18.38 3.88 -18.69
C LYS A 359 -18.34 3.15 -17.36
N GLU A 360 -17.13 2.95 -16.84
CA GLU A 360 -16.95 2.28 -15.57
C GLU A 360 -17.76 2.99 -14.46
N VAL A 361 -17.61 4.31 -14.36
CA VAL A 361 -18.33 5.06 -13.35
C VAL A 361 -19.86 4.87 -13.50
N MET A 362 -20.36 4.92 -14.73
CA MET A 362 -21.79 4.74 -14.94
C MET A 362 -22.19 3.25 -14.92
N ASN A 363 -21.18 2.38 -14.79
CA ASN A 363 -21.36 0.93 -14.77
C ASN A 363 -21.96 0.41 -16.05
N1 984 B . -6.63 8.51 2.92
C2 984 B . -6.02 8.58 1.71
N3 984 B . -6.80 8.11 0.67
C4 984 B . -8.10 7.66 1.19
C5 984 B . -8.02 7.92 2.66
C6 984 B . -5.98 8.96 4.17
C7 984 B . -6.33 10.40 4.53
C10 984 B . -5.21 11.13 5.27
C16 984 B . -4.85 8.98 1.33
C17 984 B . -3.93 7.90 0.66
C18 984 B . -2.52 8.45 0.24
N19 984 B . -2.62 9.67 -0.61
C20 984 B . -3.43 10.74 0.02
C21 984 B . -4.86 10.26 0.44
C31 984 B . -1.28 10.18 -0.98
C35 984 B . -9.18 7.12 0.31
C36 984 B . -8.84 7.64 3.92
C37 984 B . -10.52 7.56 0.46
C38 984 B . -11.56 7.06 -0.33
C39 984 B . -11.28 6.07 -1.30
C40 984 B . -9.94 5.61 -1.49
C41 984 B . -8.88 6.14 -0.66
CL45 984 B . -13.11 7.69 -0.01
CL46 984 B . -12.52 5.38 -2.30
C47 984 B . -9.95 6.76 3.78
C48 984 B . -10.71 6.54 4.95
N49 984 B . -10.41 7.14 6.13
C50 984 B . -9.35 7.97 6.13
N51 984 B . -8.57 8.22 5.08
N54 984 B . -8.99 8.62 7.26
C55 984 B . -7.92 8.15 8.11
C56 984 B . -7.97 9.49 8.83
C57 984 B . -6.74 8.98 8.16
#